data_7ER9
#
_entry.id   7ER9
#
_cell.length_a   82.041
_cell.length_b   117.352
_cell.length_c   41.606
_cell.angle_alpha   90.000
_cell.angle_beta   90.000
_cell.angle_gamma   90.000
#
_symmetry.space_group_name_H-M   'P 21 21 2'
#
loop_
_entity.id
_entity.type
_entity.pdbx_description
1 polymer 'Flavin reductase (NADPH)'
2 non-polymer 'NADP NICOTINAMIDE-ADENINE-DINUCLEOTIDE PHOSPHATE'
3 non-polymer '2-(3-CYANO-4-ISOBUTOXY-PHENYL)-4-METHYL-5-THIAZOLE-CARBOXYLIC ACID'
4 non-polymer 'SULFATE ION'
5 water water
#
_entity_poly.entity_id   1
_entity_poly.type   'polypeptide(L)'
_entity_poly.pdbx_seq_one_letter_code
;HHHHHHHHHHMAVKKIAIFGATGQTGLTTLAQAVQAGYEVTVLVRDSSRLPSEGPRPAHVVVGDVLQAADVDKTVAGQDA
VIVLLGTRNDLSPTTVMSEGARNIVAAMKAHGVDKVVACTSAFLLWDPTKVPPRLQAVTDDHIRMHKVLRESGLKYVAVM
PPHIGDQPLTGAYTVTLDGRGPSRVISKHDLGHFMLRCLTTDEYDGHSTYPSHQYQ
;
_entity_poly.pdbx_strand_id   A,B
#
# COMPACT_ATOMS: atom_id res chain seq x y z
N HIS A 10 -21.59 -30.98 6.44
CA HIS A 10 -20.23 -31.41 6.13
C HIS A 10 -19.37 -30.35 5.50
N MET A 11 -19.68 -29.10 5.80
CA MET A 11 -18.98 -27.99 5.18
C MET A 11 -17.80 -27.61 6.07
N ALA A 12 -16.59 -27.85 5.56
CA ALA A 12 -15.39 -27.37 6.26
C ALA A 12 -15.39 -25.85 6.36
N VAL A 13 -15.58 -25.16 5.23
CA VAL A 13 -15.85 -23.74 5.24
C VAL A 13 -17.36 -23.58 5.21
N LYS A 14 -17.93 -22.97 6.29
CA LYS A 14 -19.36 -22.81 6.21
C LYS A 14 -19.77 -21.37 6.52
N LYS A 15 -19.09 -20.72 7.46
CA LYS A 15 -19.39 -19.32 7.79
C LYS A 15 -18.43 -18.42 7.04
N ILE A 16 -18.98 -17.52 6.22
CA ILE A 16 -18.14 -16.59 5.47
C ILE A 16 -18.64 -15.17 5.65
N ALA A 17 -17.70 -14.22 5.67
CA ALA A 17 -18.01 -12.80 5.55
C ALA A 17 -17.84 -12.42 4.08
N ILE A 18 -18.79 -11.65 3.55
CA ILE A 18 -18.65 -11.03 2.24
C ILE A 18 -18.65 -9.52 2.42
N PHE A 19 -17.58 -8.88 1.95
CA PHE A 19 -17.48 -7.42 1.87
C PHE A 19 -17.82 -7.05 0.44
N GLY A 20 -18.72 -6.09 0.26
CA GLY A 20 -19.15 -5.73 -1.07
C GLY A 20 -20.32 -6.55 -1.59
N ALA A 21 -21.12 -7.13 -0.71
CA ALA A 21 -22.20 -8.00 -1.15
C ALA A 21 -23.29 -7.26 -1.91
N THR A 22 -23.44 -5.94 -1.71
CA THR A 22 -24.47 -5.22 -2.45
C THR A 22 -24.06 -4.83 -3.86
N GLY A 23 -22.79 -5.08 -4.25
CA GLY A 23 -22.25 -4.64 -5.52
C GLY A 23 -22.60 -5.59 -6.65
N GLN A 24 -22.12 -5.23 -7.84
CA GLN A 24 -22.42 -6.01 -9.05
C GLN A 24 -22.06 -7.49 -8.89
N THR A 25 -20.84 -7.76 -8.48
CA THR A 25 -20.44 -9.15 -8.30
C THR A 25 -20.90 -9.67 -6.95
N GLY A 26 -20.93 -8.80 -5.93
CA GLY A 26 -21.35 -9.26 -4.62
C GLY A 26 -22.75 -9.86 -4.59
N LEU A 27 -23.70 -9.29 -5.34
CA LEU A 27 -25.08 -9.74 -5.23
C LEU A 27 -25.21 -11.16 -5.73
N THR A 28 -24.49 -11.49 -6.81
CA THR A 28 -24.58 -12.85 -7.34
C THR A 28 -23.74 -13.81 -6.53
N THR A 29 -22.61 -13.32 -5.98
CA THR A 29 -21.83 -14.15 -5.06
C THR A 29 -22.66 -14.50 -3.84
N LEU A 30 -23.38 -13.51 -3.29
CA LEU A 30 -24.23 -13.78 -2.14
C LEU A 30 -25.30 -14.80 -2.50
N ALA A 31 -25.97 -14.61 -3.64
CA ALA A 31 -27.03 -15.52 -4.05
C ALA A 31 -26.49 -16.93 -4.20
N GLN A 32 -25.34 -17.08 -4.86
CA GLN A 32 -24.79 -18.42 -5.06
C GLN A 32 -24.34 -19.02 -3.74
N ALA A 33 -23.80 -18.20 -2.85
CA ALA A 33 -23.34 -18.73 -1.56
C ALA A 33 -24.52 -19.22 -0.72
N VAL A 34 -25.62 -18.47 -0.68
CA VAL A 34 -26.77 -18.93 0.09
C VAL A 34 -27.31 -20.23 -0.50
N GLN A 35 -27.42 -20.29 -1.83
CA GLN A 35 -27.90 -21.51 -2.49
C GLN A 35 -27.00 -22.71 -2.18
N ALA A 36 -25.68 -22.49 -2.08
CA ALA A 36 -24.73 -23.55 -1.79
C ALA A 36 -24.67 -23.95 -0.31
N GLY A 37 -25.41 -23.29 0.56
CA GLY A 37 -25.46 -23.68 1.95
C GLY A 37 -24.55 -22.93 2.87
N TYR A 38 -23.91 -21.87 2.39
CA TYR A 38 -23.08 -21.07 3.28
C TYR A 38 -23.92 -20.26 4.24
N GLU A 39 -23.35 -20.03 5.44
CA GLU A 39 -23.92 -19.13 6.45
C GLU A 39 -23.17 -17.81 6.25
N VAL A 40 -23.83 -16.85 5.60
CA VAL A 40 -23.16 -15.65 5.11
C VAL A 40 -23.42 -14.48 6.04
N THR A 41 -22.36 -13.79 6.43
CA THR A 41 -22.44 -12.50 7.11
C THR A 41 -22.02 -11.43 6.12
N VAL A 42 -22.80 -10.35 6.03
CA VAL A 42 -22.45 -9.25 5.15
C VAL A 42 -22.25 -7.98 5.97
N LEU A 43 -21.32 -7.12 5.50
CA LEU A 43 -21.21 -5.75 5.99
C LEU A 43 -21.81 -4.83 4.93
N VAL A 44 -22.85 -4.07 5.30
CA VAL A 44 -23.52 -3.18 4.36
C VAL A 44 -23.53 -1.78 4.96
N ARG A 45 -23.32 -0.78 4.11
CA ARG A 45 -23.48 0.61 4.54
C ARG A 45 -24.95 0.94 4.79
N ASP A 46 -25.18 1.85 5.75
CA ASP A 46 -26.52 2.01 6.31
C ASP A 46 -27.52 2.41 5.24
N SER A 47 -27.08 3.24 4.29
CA SER A 47 -27.95 3.74 3.23
C SER A 47 -28.16 2.73 2.12
N SER A 48 -27.43 1.61 2.14
CA SER A 48 -27.41 0.69 1.00
C SER A 48 -27.52 -0.74 1.51
N ARG A 49 -28.73 -1.14 1.84
CA ARG A 49 -29.01 -2.49 2.25
CA ARG A 49 -29.04 -2.48 2.25
C ARG A 49 -29.27 -3.39 1.05
N LEU A 50 -29.26 -4.70 1.30
CA LEU A 50 -29.60 -5.65 0.26
C LEU A 50 -31.07 -5.53 -0.17
N PRO A 51 -31.37 -5.84 -1.43
CA PRO A 51 -32.76 -5.75 -1.90
C PRO A 51 -33.67 -6.74 -1.21
N SER A 52 -34.89 -6.29 -0.93
CA SER A 52 -35.82 -7.08 -0.13
C SER A 52 -36.28 -8.35 -0.83
N GLU A 53 -36.36 -8.33 -2.16
CA GLU A 53 -36.82 -9.51 -2.89
C GLU A 53 -35.76 -10.59 -3.03
N GLY A 54 -34.49 -10.28 -2.75
CA GLY A 54 -33.38 -11.16 -3.03
C GLY A 54 -33.07 -12.13 -1.90
N PRO A 55 -32.08 -12.99 -2.10
CA PRO A 55 -31.72 -13.95 -1.05
C PRO A 55 -31.24 -13.26 0.20
N ARG A 56 -31.55 -13.85 1.35
CA ARG A 56 -31.14 -13.17 2.56
C ARG A 56 -29.94 -13.87 3.18
N PRO A 57 -28.93 -13.12 3.60
CA PRO A 57 -27.81 -13.73 4.33
C PRO A 57 -28.26 -14.10 5.73
N ALA A 58 -27.38 -14.84 6.40
CA ALA A 58 -27.65 -15.27 7.77
C ALA A 58 -27.46 -14.14 8.78
N HIS A 59 -26.55 -13.21 8.53
CA HIS A 59 -26.24 -12.15 9.48
C HIS A 59 -25.90 -10.88 8.71
N VAL A 60 -26.42 -9.75 9.18
CA VAL A 60 -26.14 -8.45 8.57
C VAL A 60 -25.51 -7.54 9.64
N VAL A 61 -24.33 -7.02 9.33
CA VAL A 61 -23.71 -5.92 10.07
C VAL A 61 -23.88 -4.66 9.25
N VAL A 62 -24.43 -3.61 9.87
CA VAL A 62 -24.59 -2.32 9.22
C VAL A 62 -23.45 -1.43 9.67
N GLY A 63 -22.67 -0.93 8.71
CA GLY A 63 -21.51 -0.13 9.08
C GLY A 63 -20.64 0.11 7.86
N ASP A 64 -19.37 0.36 8.11
CA ASP A 64 -18.49 0.81 7.04
C ASP A 64 -17.16 0.10 7.12
N VAL A 65 -16.62 -0.32 5.97
CA VAL A 65 -15.33 -1.01 5.99
C VAL A 65 -14.20 -0.11 6.49
N LEU A 66 -14.42 1.21 6.53
CA LEU A 66 -13.43 2.16 7.05
C LEU A 66 -13.49 2.28 8.55
N GLN A 67 -14.35 1.54 9.22
CA GLN A 67 -14.37 1.50 10.68
C GLN A 67 -13.90 0.13 11.13
N ALA A 68 -12.73 0.07 11.78
CA ALA A 68 -12.21 -1.16 12.32
C ALA A 68 -13.26 -1.91 13.14
N ALA A 69 -14.05 -1.18 13.95
CA ALA A 69 -15.02 -1.84 14.81
C ALA A 69 -16.07 -2.59 13.98
N ASP A 70 -16.49 -2.01 12.87
CA ASP A 70 -17.48 -2.68 12.02
C ASP A 70 -16.88 -3.89 11.32
N VAL A 71 -15.65 -3.75 10.84
CA VAL A 71 -14.98 -4.89 10.20
C VAL A 71 -14.77 -6.02 11.19
N ASP A 72 -14.34 -5.68 12.42
CA ASP A 72 -14.18 -6.69 13.47
C ASP A 72 -15.48 -7.46 13.68
N LYS A 73 -16.61 -6.75 13.79
CA LYS A 73 -17.88 -7.43 14.01
C LYS A 73 -18.24 -8.37 12.87
N THR A 74 -17.83 -8.03 11.64
CA THR A 74 -18.14 -8.83 10.46
C THR A 74 -17.24 -10.05 10.37
N VAL A 75 -15.95 -9.92 10.73
CA VAL A 75 -14.98 -11.02 10.60
C VAL A 75 -15.05 -12.01 11.76
N ALA A 76 -15.45 -11.58 12.95
CA ALA A 76 -15.47 -12.46 14.12
C ALA A 76 -16.27 -13.73 13.84
N GLY A 77 -15.69 -14.87 14.18
CA GLY A 77 -16.38 -16.15 14.07
C GLY A 77 -16.48 -16.75 12.69
N GLN A 78 -15.89 -16.16 11.66
CA GLN A 78 -15.98 -16.71 10.31
C GLN A 78 -14.91 -17.77 10.05
N ASP A 79 -15.18 -18.57 9.01
CA ASP A 79 -14.19 -19.48 8.45
C ASP A 79 -13.32 -18.84 7.38
N ALA A 80 -13.81 -17.82 6.67
CA ALA A 80 -13.11 -17.26 5.53
C ALA A 80 -13.78 -15.95 5.16
N VAL A 81 -13.08 -15.15 4.36
CA VAL A 81 -13.53 -13.82 3.97
C VAL A 81 -13.44 -13.69 2.45
N ILE A 82 -14.50 -13.15 1.83
CA ILE A 82 -14.50 -12.78 0.42
C ILE A 82 -14.60 -11.25 0.34
N VAL A 83 -13.77 -10.65 -0.50
CA VAL A 83 -13.70 -9.18 -0.62
C VAL A 83 -14.02 -8.79 -2.04
N LEU A 84 -15.15 -8.08 -2.22
CA LEU A 84 -15.66 -7.57 -3.48
C LEU A 84 -15.95 -6.08 -3.34
N LEU A 85 -15.08 -5.40 -2.61
CA LEU A 85 -15.21 -3.94 -2.47
C LEU A 85 -14.88 -3.24 -3.78
N GLY A 86 -15.46 -2.06 -3.95
CA GLY A 86 -15.24 -1.27 -5.15
C GLY A 86 -15.93 0.07 -4.96
N THR A 87 -15.86 0.89 -6.01
CA THR A 87 -16.33 2.27 -5.94
C THR A 87 -17.46 2.52 -6.92
N ARG A 88 -18.13 1.46 -7.37
CA ARG A 88 -19.17 1.49 -8.41
C ARG A 88 -18.67 2.21 -9.66
N ASN A 89 -19.37 3.21 -10.16
CA ASN A 89 -18.96 3.87 -11.38
C ASN A 89 -17.96 5.00 -11.11
N ASP A 90 -17.53 5.21 -9.87
CA ASP A 90 -16.76 6.39 -9.52
C ASP A 90 -15.27 6.11 -9.72
N LEU A 91 -14.65 6.90 -10.58
CA LEU A 91 -13.24 6.68 -10.93
C LEU A 91 -12.32 7.62 -10.18
N SER A 92 -12.82 8.31 -9.15
CA SER A 92 -12.01 9.28 -8.40
C SER A 92 -10.91 8.60 -7.60
N PRO A 93 -9.83 9.34 -7.30
CA PRO A 93 -8.85 8.84 -6.33
C PRO A 93 -9.51 8.38 -5.03
N THR A 94 -9.03 7.26 -4.49
CA THR A 94 -9.70 6.65 -3.35
C THR A 94 -8.71 5.74 -2.64
N THR A 95 -8.97 5.54 -1.33
CA THR A 95 -8.27 4.51 -0.58
C THR A 95 -9.25 3.57 0.12
N VAL A 96 -10.52 3.54 -0.31
CA VAL A 96 -11.47 2.73 0.45
C VAL A 96 -11.10 1.24 0.38
N MET A 97 -10.58 0.76 -0.76
CA MET A 97 -10.26 -0.67 -0.86
C MET A 97 -9.01 -1.03 -0.07
N SER A 98 -7.97 -0.20 -0.15
CA SER A 98 -6.74 -0.52 0.57
C SER A 98 -6.92 -0.31 2.08
N GLU A 99 -7.60 0.75 2.49
CA GLU A 99 -7.82 0.93 3.92
C GLU A 99 -8.77 -0.12 4.46
N GLY A 100 -9.84 -0.42 3.69
CA GLY A 100 -10.70 -1.53 4.07
C GLY A 100 -9.92 -2.81 4.21
N ALA A 101 -8.99 -3.09 3.27
CA ALA A 101 -8.20 -4.30 3.40
C ALA A 101 -7.31 -4.28 4.65
N ARG A 102 -6.73 -3.13 5.00
CA ARG A 102 -5.95 -3.05 6.24
CA ARG A 102 -5.95 -3.05 6.24
C ARG A 102 -6.81 -3.44 7.44
N ASN A 103 -8.04 -2.92 7.52
CA ASN A 103 -8.92 -3.31 8.60
C ASN A 103 -9.27 -4.80 8.56
N ILE A 104 -9.54 -5.34 7.36
CA ILE A 104 -9.87 -6.75 7.26
C ILE A 104 -8.71 -7.61 7.73
N VAL A 105 -7.48 -7.28 7.32
CA VAL A 105 -6.30 -8.02 7.76
C VAL A 105 -6.20 -7.99 9.27
N ALA A 106 -6.31 -6.80 9.87
CA ALA A 106 -6.19 -6.71 11.33
C ALA A 106 -7.25 -7.56 12.04
N ALA A 107 -8.49 -7.52 11.55
CA ALA A 107 -9.56 -8.31 12.17
C ALA A 107 -9.32 -9.80 11.99
N MET A 108 -8.88 -10.22 10.79
CA MET A 108 -8.61 -11.64 10.57
C MET A 108 -7.52 -12.14 11.50
N LYS A 109 -6.46 -11.36 11.68
CA LYS A 109 -5.39 -11.76 12.60
C LYS A 109 -5.91 -11.82 14.03
N ALA A 110 -6.71 -10.84 14.43
CA ALA A 110 -7.18 -10.81 15.81
C ALA A 110 -8.18 -11.92 16.09
N HIS A 111 -8.86 -12.41 15.07
CA HIS A 111 -9.92 -13.40 15.27
C HIS A 111 -9.57 -14.78 14.76
N GLY A 112 -8.34 -15.01 14.29
CA GLY A 112 -7.92 -16.34 13.88
C GLY A 112 -8.48 -16.82 12.57
N VAL A 113 -8.80 -15.92 11.66
CA VAL A 113 -9.26 -16.27 10.31
C VAL A 113 -8.06 -16.13 9.38
N ASP A 114 -7.84 -17.13 8.51
CA ASP A 114 -6.68 -17.20 7.63
CA ASP A 114 -6.67 -17.14 7.65
C ASP A 114 -6.99 -16.94 6.17
N LYS A 115 -8.15 -17.42 5.70
CA LYS A 115 -8.44 -17.47 4.27
C LYS A 115 -9.13 -16.20 3.83
N VAL A 116 -8.51 -15.49 2.88
CA VAL A 116 -9.11 -14.29 2.28
C VAL A 116 -8.99 -14.38 0.77
N VAL A 117 -10.12 -14.25 0.09
CA VAL A 117 -10.18 -14.29 -1.36
C VAL A 117 -10.63 -12.89 -1.75
N ALA A 118 -9.80 -12.12 -2.44
CA ALA A 118 -10.06 -10.71 -2.63
C ALA A 118 -9.84 -10.28 -4.07
N CYS A 119 -10.78 -9.49 -4.58
CA CYS A 119 -10.79 -9.08 -5.96
C CYS A 119 -10.11 -7.73 -6.13
N THR A 120 -9.12 -7.69 -7.01
CA THR A 120 -8.55 -6.43 -7.49
C THR A 120 -8.85 -6.31 -8.97
N SER A 121 -7.84 -6.48 -9.84
CA SER A 121 -8.11 -6.44 -11.26
C SER A 121 -6.89 -6.92 -12.04
N ALA A 122 -7.17 -7.40 -13.25
CA ALA A 122 -6.13 -7.87 -14.13
C ALA A 122 -5.11 -6.80 -14.48
N PHE A 123 -5.40 -5.51 -14.24
CA PHE A 123 -4.39 -4.51 -14.55
C PHE A 123 -3.15 -4.68 -13.69
N LEU A 124 -3.26 -5.41 -12.56
CA LEU A 124 -2.09 -5.69 -11.74
C LEU A 124 -1.17 -6.71 -12.39
N LEU A 125 -1.61 -7.34 -13.50
CA LEU A 125 -0.78 -8.20 -14.32
C LEU A 125 -0.40 -7.54 -15.63
N TRP A 126 -0.80 -6.29 -15.86
CA TRP A 126 -0.52 -5.59 -17.10
C TRP A 126 0.81 -4.89 -16.97
N ASP A 127 1.40 -4.58 -18.13
CA ASP A 127 2.40 -3.53 -18.22
C ASP A 127 1.76 -2.27 -17.64
N PRO A 128 2.26 -1.76 -16.51
CA PRO A 128 1.54 -0.69 -15.82
C PRO A 128 1.36 0.57 -16.64
N THR A 129 2.30 0.88 -17.53
CA THR A 129 2.14 2.07 -18.35
C THR A 129 1.06 1.91 -19.43
N LYS A 130 0.42 0.73 -19.53
CA LYS A 130 -0.63 0.49 -20.50
C LYS A 130 -2.04 0.60 -19.90
N VAL A 131 -2.16 0.75 -18.59
CA VAL A 131 -3.47 0.92 -17.94
C VAL A 131 -4.13 2.20 -18.47
N PRO A 132 -5.40 2.17 -18.83
CA PRO A 132 -6.05 3.38 -19.31
C PRO A 132 -6.01 4.46 -18.25
N PRO A 133 -5.58 5.67 -18.59
CA PRO A 133 -5.50 6.73 -17.56
C PRO A 133 -6.76 6.92 -16.76
N ARG A 134 -7.95 6.80 -17.37
CA ARG A 134 -9.17 7.04 -16.62
C ARG A 134 -9.36 6.04 -15.47
N LEU A 135 -8.74 4.87 -15.59
CA LEU A 135 -8.83 3.83 -14.57
C LEU A 135 -7.63 3.81 -13.64
N GLN A 136 -6.67 4.74 -13.80
CA GLN A 136 -5.43 4.63 -13.02
C GLN A 136 -5.66 4.92 -11.53
N ALA A 137 -6.57 5.82 -11.20
CA ALA A 137 -6.74 6.16 -9.78
C ALA A 137 -7.31 4.98 -9.00
N VAL A 138 -8.28 4.26 -9.57
CA VAL A 138 -8.81 3.08 -8.92
C VAL A 138 -7.77 1.98 -8.92
N THR A 139 -7.06 1.81 -10.05
CA THR A 139 -6.01 0.81 -10.12
C THR A 139 -4.93 1.05 -9.08
N ASP A 140 -4.58 2.33 -8.83
CA ASP A 140 -3.60 2.62 -7.79
C ASP A 140 -4.05 2.09 -6.45
N ASP A 141 -5.34 2.19 -6.14
CA ASP A 141 -5.78 1.64 -4.87
C ASP A 141 -5.84 0.11 -4.89
N HIS A 142 -6.17 -0.51 -6.01
CA HIS A 142 -6.04 -1.97 -6.09
C HIS A 142 -4.60 -2.41 -5.81
N ILE A 143 -3.64 -1.68 -6.36
CA ILE A 143 -2.22 -1.96 -6.11
C ILE A 143 -1.91 -1.85 -4.63
N ARG A 144 -2.40 -0.78 -3.99
CA ARG A 144 -2.20 -0.65 -2.54
C ARG A 144 -2.86 -1.80 -1.80
N MET A 145 -4.07 -2.19 -2.20
CA MET A 145 -4.80 -3.24 -1.53
C MET A 145 -4.08 -4.58 -1.66
N HIS A 146 -3.65 -4.92 -2.87
CA HIS A 146 -2.94 -6.18 -3.08
C HIS A 146 -1.68 -6.24 -2.21
N LYS A 147 -0.94 -5.13 -2.10
CA LYS A 147 0.26 -5.12 -1.26
C LYS A 147 -0.09 -5.38 0.20
N VAL A 148 -1.14 -4.72 0.73
CA VAL A 148 -1.60 -5.00 2.09
C VAL A 148 -1.88 -6.48 2.29
N LEU A 149 -2.63 -7.10 1.36
CA LEU A 149 -3.02 -8.50 1.53
C LEU A 149 -1.82 -9.43 1.34
N ARG A 150 -0.94 -9.13 0.39
CA ARG A 150 0.23 -9.99 0.15
C ARG A 150 1.17 -9.98 1.34
N GLU A 151 1.32 -8.81 1.97
CA GLU A 151 2.28 -8.69 3.07
C GLU A 151 1.72 -9.17 4.38
N SER A 152 0.43 -9.51 4.43
CA SER A 152 -0.22 -9.88 5.66
C SER A 152 0.24 -11.25 6.17
N GLY A 153 0.65 -12.12 5.27
CA GLY A 153 0.93 -13.47 5.70
C GLY A 153 -0.28 -14.38 5.77
N LEU A 154 -1.47 -13.85 5.52
CA LEU A 154 -2.67 -14.67 5.51
C LEU A 154 -2.69 -15.53 4.25
N LYS A 155 -3.62 -16.49 4.24
CA LYS A 155 -3.82 -17.33 3.06
C LYS A 155 -4.68 -16.55 2.07
N TYR A 156 -4.01 -15.86 1.17
CA TYR A 156 -4.61 -14.83 0.33
C TYR A 156 -4.66 -15.31 -1.12
N VAL A 157 -5.85 -15.39 -1.67
CA VAL A 157 -6.04 -15.65 -3.11
C VAL A 157 -6.31 -14.31 -3.77
N ALA A 158 -5.40 -13.85 -4.63
CA ALA A 158 -5.55 -12.57 -5.33
C ALA A 158 -6.30 -12.82 -6.62
N VAL A 159 -7.54 -12.41 -6.69
CA VAL A 159 -8.37 -12.59 -7.88
C VAL A 159 -8.29 -11.32 -8.70
N MET A 160 -7.82 -11.44 -9.94
CA MET A 160 -7.46 -10.30 -10.78
C MET A 160 -8.21 -10.42 -12.11
N PRO A 161 -9.49 -10.07 -12.13
CA PRO A 161 -10.31 -10.32 -13.34
C PRO A 161 -10.14 -9.25 -14.39
N PRO A 162 -10.44 -9.59 -15.65
CA PRO A 162 -10.55 -8.61 -16.73
C PRO A 162 -11.94 -8.00 -16.67
N HIS A 163 -12.46 -7.50 -17.77
CA HIS A 163 -13.75 -6.82 -17.76
C HIS A 163 -14.82 -7.74 -17.16
N ILE A 164 -15.65 -7.21 -16.26
CA ILE A 164 -16.73 -7.98 -15.68
C ILE A 164 -18.00 -7.71 -16.48
N GLY A 165 -18.60 -8.76 -17.04
CA GLY A 165 -19.79 -8.63 -17.85
C GLY A 165 -21.02 -9.25 -17.22
N ASP A 166 -22.11 -9.26 -17.99
CA ASP A 166 -23.36 -9.79 -17.46
CA ASP A 166 -23.41 -9.73 -17.55
C ASP A 166 -23.78 -11.07 -18.17
N GLN A 167 -22.82 -11.80 -18.72
CA GLN A 167 -23.06 -13.09 -19.34
C GLN A 167 -23.42 -14.13 -18.26
N PRO A 168 -23.79 -15.35 -18.66
CA PRO A 168 -24.29 -16.32 -17.68
C PRO A 168 -23.22 -16.85 -16.73
N LEU A 169 -23.75 -17.46 -15.67
CA LEU A 169 -23.00 -18.44 -14.88
C LEU A 169 -22.76 -19.68 -15.72
N THR A 170 -21.52 -20.07 -15.86
CA THR A 170 -21.17 -21.29 -16.59
C THR A 170 -20.40 -22.30 -15.76
N GLY A 171 -19.58 -21.84 -14.79
CA GLY A 171 -18.65 -22.74 -14.14
C GLY A 171 -17.60 -23.33 -15.05
N ALA A 172 -17.46 -22.80 -16.27
CA ALA A 172 -16.64 -23.40 -17.33
C ALA A 172 -15.49 -22.48 -17.72
N TYR A 173 -15.28 -21.42 -16.95
CA TYR A 173 -14.24 -20.44 -17.24
C TYR A 173 -12.83 -21.02 -17.01
N THR A 174 -11.86 -20.37 -17.66
CA THR A 174 -10.44 -20.64 -17.46
C THR A 174 -9.94 -19.86 -16.25
N VAL A 175 -9.04 -20.48 -15.49
CA VAL A 175 -8.38 -19.82 -14.37
C VAL A 175 -6.90 -19.82 -14.72
N THR A 176 -6.36 -18.64 -15.01
CA THR A 176 -4.94 -18.54 -15.35
C THR A 176 -4.14 -18.12 -14.11
N LEU A 177 -3.11 -18.88 -13.78
CA LEU A 177 -2.29 -18.60 -12.60
C LEU A 177 -1.16 -17.64 -12.96
N ASP A 178 -1.07 -16.55 -12.22
CA ASP A 178 0.12 -15.69 -12.23
C ASP A 178 0.43 -15.14 -13.63
N GLY A 179 -0.62 -14.76 -14.36
CA GLY A 179 -0.45 -14.13 -15.66
C GLY A 179 -1.83 -13.85 -16.24
N ARG A 180 -1.83 -13.10 -17.36
CA ARG A 180 -3.09 -12.81 -18.05
C ARG A 180 -3.56 -14.03 -18.83
N GLY A 181 -4.88 -14.23 -18.85
CA GLY A 181 -5.47 -15.38 -19.51
C GLY A 181 -5.86 -15.11 -20.95
N PRO A 182 -6.50 -16.10 -21.58
CA PRO A 182 -6.75 -16.02 -23.03
C PRO A 182 -8.00 -15.27 -23.46
N SER A 183 -8.89 -14.87 -22.55
CA SER A 183 -10.03 -14.04 -22.89
C SER A 183 -9.98 -12.76 -22.06
N ARG A 184 -10.75 -11.78 -22.51
CA ARG A 184 -10.71 -10.46 -21.89
C ARG A 184 -11.99 -10.13 -21.11
N VAL A 185 -12.83 -11.12 -20.81
CA VAL A 185 -14.05 -10.94 -20.02
C VAL A 185 -14.23 -12.10 -19.05
N ILE A 186 -14.94 -11.80 -17.95
CA ILE A 186 -15.52 -12.81 -17.10
C ILE A 186 -16.90 -12.32 -16.69
N SER A 187 -17.89 -13.21 -16.69
CA SER A 187 -19.19 -12.73 -16.24
C SER A 187 -19.18 -12.51 -14.71
N LYS A 188 -20.01 -11.57 -14.24
CA LYS A 188 -20.06 -11.38 -12.79
C LYS A 188 -20.47 -12.66 -12.06
N HIS A 189 -21.33 -13.49 -12.68
CA HIS A 189 -21.76 -14.74 -12.06
C HIS A 189 -20.61 -15.73 -11.99
N ASP A 190 -19.85 -15.86 -13.08
CA ASP A 190 -18.66 -16.72 -13.06
C ASP A 190 -17.60 -16.20 -12.10
N LEU A 191 -17.41 -14.88 -12.01
CA LEU A 191 -16.46 -14.34 -11.05
C LEU A 191 -16.86 -14.71 -9.62
N GLY A 192 -18.14 -14.54 -9.28
CA GLY A 192 -18.58 -14.95 -7.94
C GLY A 192 -18.46 -16.44 -7.71
N HIS A 193 -18.80 -17.26 -8.72
CA HIS A 193 -18.59 -18.69 -8.62
C HIS A 193 -17.12 -19.02 -8.31
N PHE A 194 -16.18 -18.33 -8.98
CA PHE A 194 -14.77 -18.58 -8.70
C PHE A 194 -14.37 -18.14 -7.30
N MET A 195 -14.85 -16.97 -6.82
CA MET A 195 -14.54 -16.56 -5.45
C MET A 195 -14.96 -17.64 -4.46
N LEU A 196 -16.13 -18.26 -4.70
CA LEU A 196 -16.56 -19.32 -3.79
C LEU A 196 -15.74 -20.59 -4.00
N ARG A 197 -15.39 -20.93 -5.25
CA ARG A 197 -14.53 -22.09 -5.47
CA ARG A 197 -14.53 -22.09 -5.47
C ARG A 197 -13.23 -21.99 -4.69
N CYS A 198 -12.70 -20.78 -4.55
CA CYS A 198 -11.44 -20.59 -3.86
C CYS A 198 -11.53 -20.91 -2.38
N LEU A 199 -12.75 -20.99 -1.82
CA LEU A 199 -12.92 -21.43 -0.43
C LEU A 199 -12.71 -22.92 -0.23
N THR A 200 -12.82 -23.72 -1.28
CA THR A 200 -12.82 -25.17 -1.14
C THR A 200 -11.48 -25.78 -1.51
N THR A 201 -10.45 -24.98 -1.76
CA THR A 201 -9.17 -25.52 -2.15
C THR A 201 -8.05 -24.58 -1.71
N ASP A 202 -6.86 -25.15 -1.48
CA ASP A 202 -5.70 -24.34 -1.17
CA ASP A 202 -5.69 -24.36 -1.16
C ASP A 202 -4.84 -24.06 -2.38
N GLU A 203 -5.23 -24.56 -3.56
CA GLU A 203 -4.29 -24.53 -4.68
C GLU A 203 -3.97 -23.14 -5.18
N TYR A 204 -4.83 -22.13 -4.88
CA TYR A 204 -4.57 -20.78 -5.36
C TYR A 204 -3.97 -19.87 -4.30
N ASP A 205 -3.79 -20.37 -3.07
CA ASP A 205 -3.29 -19.54 -1.99
C ASP A 205 -1.92 -19.02 -2.39
N GLY A 206 -1.72 -17.71 -2.23
CA GLY A 206 -0.43 -17.13 -2.51
C GLY A 206 -0.19 -16.86 -3.97
N HIS A 207 -1.17 -17.14 -4.82
CA HIS A 207 -1.05 -16.91 -6.24
C HIS A 207 -1.98 -15.78 -6.65
N SER A 208 -1.70 -15.20 -7.82
CA SER A 208 -2.67 -14.36 -8.51
C SER A 208 -3.43 -15.24 -9.51
N THR A 209 -4.73 -14.96 -9.66
CA THR A 209 -5.60 -15.75 -10.52
C THR A 209 -6.36 -14.83 -11.45
N TYR A 210 -6.47 -15.18 -12.71
CA TYR A 210 -7.17 -14.37 -13.68
C TYR A 210 -8.22 -15.29 -14.26
N PRO A 211 -9.48 -15.15 -13.86
CA PRO A 211 -10.56 -15.94 -14.45
C PRO A 211 -11.06 -15.24 -15.71
N SER A 212 -11.30 -16.04 -16.76
CA SER A 212 -11.83 -15.45 -17.99
C SER A 212 -12.56 -16.51 -18.78
N HIS A 213 -13.40 -16.06 -19.72
CA HIS A 213 -14.15 -17.04 -20.48
C HIS A 213 -14.60 -16.42 -21.79
N GLN A 214 -15.00 -17.29 -22.71
CA GLN A 214 -15.61 -16.95 -23.98
C GLN A 214 -17.04 -17.44 -23.93
N TYR A 215 -17.98 -16.51 -23.98
CA TYR A 215 -19.40 -16.82 -23.81
C TYR A 215 -19.98 -17.09 -25.19
N GLN A 216 -20.46 -18.32 -25.42
CA GLN A 216 -20.90 -18.71 -26.75
C GLN A 216 -21.85 -19.90 -26.61
N MET B 11 32.71 17.09 1.51
CA MET B 11 32.55 16.45 0.21
C MET B 11 32.23 14.96 0.37
N ALA B 12 33.23 14.16 0.76
CA ALA B 12 33.02 12.74 0.93
C ALA B 12 32.20 12.47 2.18
N VAL B 13 31.08 11.78 2.01
CA VAL B 13 30.15 11.49 3.09
C VAL B 13 30.48 10.12 3.66
N LYS B 14 30.76 10.06 4.96
CA LYS B 14 30.97 8.80 5.69
C LYS B 14 29.97 8.60 6.81
N LYS B 15 29.62 9.67 7.54
CA LYS B 15 28.69 9.63 8.68
C LYS B 15 27.35 10.22 8.27
N ILE B 16 26.30 9.44 8.43
CA ILE B 16 24.95 9.90 8.14
C ILE B 16 24.03 9.60 9.32
N ALA B 17 23.07 10.50 9.52
CA ALA B 17 21.89 10.21 10.32
C ALA B 17 20.75 9.77 9.40
N ILE B 18 20.00 8.75 9.82
CA ILE B 18 18.77 8.36 9.15
C ILE B 18 17.62 8.57 10.13
N PHE B 19 16.64 9.36 9.72
CA PHE B 19 15.37 9.50 10.44
C PHE B 19 14.34 8.64 9.73
N GLY B 20 13.54 7.91 10.50
CA GLY B 20 12.60 6.97 9.91
C GLY B 20 13.22 5.64 9.56
N ALA B 21 14.28 5.22 10.25
CA ALA B 21 15.01 4.01 9.92
C ALA B 21 14.21 2.74 10.19
N THR B 22 13.15 2.81 11.01
CA THR B 22 12.38 1.62 11.34
C THR B 22 11.20 1.41 10.40
N GLY B 23 11.02 2.32 9.44
CA GLY B 23 9.96 2.21 8.48
C GLY B 23 10.29 1.25 7.36
N GLN B 24 9.34 1.11 6.44
CA GLN B 24 9.50 0.16 5.36
C GLN B 24 10.71 0.49 4.50
N THR B 25 10.83 1.76 4.09
CA THR B 25 11.99 2.15 3.30
C THR B 25 13.20 2.34 4.19
N GLY B 26 12.97 2.84 5.42
CA GLY B 26 14.06 3.08 6.35
C GLY B 26 14.88 1.83 6.64
N LEU B 27 14.21 0.69 6.86
CA LEU B 27 14.93 -0.53 7.24
C LEU B 27 15.90 -0.94 6.15
N THR B 28 15.45 -0.92 4.89
CA THR B 28 16.32 -1.33 3.79
C THR B 28 17.39 -0.28 3.49
N THR B 29 17.06 1.03 3.62
CA THR B 29 18.08 2.06 3.48
C THR B 29 19.15 1.90 4.53
N LEU B 30 18.75 1.64 5.78
CA LEU B 30 19.71 1.38 6.84
C LEU B 30 20.59 0.17 6.53
N ALA B 31 19.98 -0.97 6.17
CA ALA B 31 20.76 -2.17 5.87
C ALA B 31 21.76 -1.90 4.76
N GLN B 32 21.29 -1.28 3.67
CA GLN B 32 22.17 -0.99 2.54
C GLN B 32 23.29 -0.03 2.92
N ALA B 33 22.98 0.98 3.73
CA ALA B 33 24.00 1.94 4.17
C ALA B 33 25.06 1.26 5.03
N VAL B 34 24.64 0.39 5.95
CA VAL B 34 25.62 -0.32 6.78
C VAL B 34 26.48 -1.24 5.92
N GLN B 35 25.87 -1.97 4.99
CA GLN B 35 26.64 -2.86 4.12
C GLN B 35 27.64 -2.10 3.28
N ALA B 36 27.29 -0.88 2.84
CA ALA B 36 28.17 -0.09 1.99
C ALA B 36 29.30 0.58 2.75
N GLY B 37 29.23 0.64 4.08
CA GLY B 37 30.33 1.20 4.85
C GLY B 37 29.99 2.50 5.55
N TYR B 38 28.76 3.01 5.43
CA TYR B 38 28.47 4.26 6.12
C TYR B 38 28.46 4.01 7.62
N GLU B 39 28.89 5.03 8.37
CA GLU B 39 28.73 5.05 9.82
C GLU B 39 27.39 5.71 10.09
N VAL B 40 26.39 4.91 10.48
CA VAL B 40 25.00 5.34 10.51
C VAL B 40 24.57 5.60 11.95
N THR B 41 23.94 6.75 12.17
CA THR B 41 23.26 7.04 13.43
C THR B 41 21.77 7.07 13.13
N VAL B 42 20.98 6.38 13.96
CA VAL B 42 19.53 6.43 13.80
C VAL B 42 18.87 7.02 15.04
N LEU B 43 17.76 7.74 14.82
CA LEU B 43 16.90 8.17 15.90
C LEU B 43 15.67 7.25 15.86
N VAL B 44 15.45 6.50 16.94
CA VAL B 44 14.33 5.57 17.00
C VAL B 44 13.58 5.79 18.31
N ARG B 45 12.24 5.66 18.23
CA ARG B 45 11.45 5.78 19.45
C ARG B 45 11.52 4.50 20.27
N ASP B 46 11.79 3.36 19.63
CA ASP B 46 11.82 2.07 20.31
C ASP B 46 12.87 1.21 19.61
N SER B 47 13.98 0.93 20.32
CA SER B 47 15.08 0.22 19.68
C SER B 47 14.76 -1.24 19.39
N SER B 48 13.72 -1.81 20.02
CA SER B 48 13.34 -3.17 19.67
C SER B 48 12.79 -3.27 18.25
N ARG B 49 12.44 -2.14 17.64
CA ARG B 49 11.98 -2.11 16.25
C ARG B 49 13.13 -2.19 15.25
N LEU B 50 14.39 -2.16 15.72
CA LEU B 50 15.51 -2.43 14.84
C LEU B 50 15.80 -3.93 14.81
N PRO B 51 16.25 -4.45 13.69
CA PRO B 51 16.47 -5.90 13.58
C PRO B 51 17.62 -6.36 14.46
N SER B 52 17.44 -7.51 15.10
CA SER B 52 18.42 -8.06 16.01
C SER B 52 19.61 -8.65 15.27
N GLU B 53 19.40 -9.15 14.06
CA GLU B 53 20.43 -9.80 13.28
C GLU B 53 20.93 -8.86 12.19
N GLY B 54 21.94 -9.32 11.44
CA GLY B 54 22.36 -8.68 10.21
C GLY B 54 22.99 -7.32 10.40
N PRO B 55 22.93 -6.48 9.37
CA PRO B 55 23.53 -5.14 9.46
C PRO B 55 22.84 -4.28 10.50
N ARG B 56 23.64 -3.77 11.46
CA ARG B 56 23.22 -2.95 12.59
C ARG B 56 23.86 -1.58 12.49
N PRO B 57 23.16 -0.50 12.85
CA PRO B 57 23.76 0.83 12.77
C PRO B 57 24.86 1.00 13.83
N ALA B 58 25.74 1.98 13.57
CA ALA B 58 26.82 2.26 14.50
C ALA B 58 26.33 2.94 15.77
N HIS B 59 25.29 3.80 15.68
CA HIS B 59 24.86 4.61 16.80
C HIS B 59 23.34 4.66 16.81
N VAL B 60 22.76 4.45 17.99
CA VAL B 60 21.31 4.47 18.17
C VAL B 60 20.98 5.53 19.21
N VAL B 61 20.18 6.54 18.81
CA VAL B 61 19.65 7.52 19.74
C VAL B 61 18.19 7.16 19.93
N VAL B 62 17.76 7.02 21.18
CA VAL B 62 16.37 6.70 21.48
C VAL B 62 15.68 8.01 21.81
N GLY B 63 14.65 8.34 21.04
CA GLY B 63 13.99 9.61 21.18
C GLY B 63 13.04 9.84 20.02
N ASP B 64 12.60 11.09 19.91
CA ASP B 64 11.44 11.48 19.10
C ASP B 64 11.88 12.64 18.21
N VAL B 65 11.50 12.59 16.93
CA VAL B 65 11.86 13.69 16.05
C VAL B 65 11.19 15.00 16.47
N LEU B 66 10.17 14.94 17.32
CA LEU B 66 9.48 16.14 17.80
C LEU B 66 10.21 16.77 18.99
N GLN B 67 11.26 16.15 19.48
CA GLN B 67 12.04 16.65 20.60
C GLN B 67 13.35 17.23 20.04
N ALA B 68 13.49 18.56 20.08
CA ALA B 68 14.65 19.18 19.43
C ALA B 68 15.97 18.64 19.97
N ALA B 69 16.03 18.35 21.28
CA ALA B 69 17.27 17.84 21.86
C ALA B 69 17.63 16.47 21.31
N ASP B 70 16.65 15.61 21.10
CA ASP B 70 16.91 14.30 20.48
C ASP B 70 17.42 14.45 19.06
N VAL B 71 16.82 15.35 18.29
CA VAL B 71 17.25 15.59 16.92
C VAL B 71 18.66 16.16 16.90
N ASP B 72 18.94 17.11 17.80
CA ASP B 72 20.27 17.68 17.86
C ASP B 72 21.32 16.60 18.15
N LYS B 73 21.02 15.69 19.08
CA LYS B 73 21.96 14.62 19.40
C LYS B 73 22.19 13.69 18.21
N THR B 74 21.17 13.51 17.36
CA THR B 74 21.27 12.64 16.19
C THR B 74 22.04 13.30 15.05
N VAL B 75 21.90 14.62 14.89
CA VAL B 75 22.50 15.33 13.77
C VAL B 75 23.97 15.70 14.07
N ALA B 76 24.34 15.87 15.35
CA ALA B 76 25.70 16.24 15.70
C ALA B 76 26.72 15.33 15.03
N GLY B 77 27.71 15.94 14.39
CA GLY B 77 28.82 15.21 13.86
C GLY B 77 28.58 14.49 12.54
N GLN B 78 27.41 14.65 11.92
CA GLN B 78 27.14 13.93 10.68
C GLN B 78 27.66 14.69 9.47
N ASP B 79 27.85 13.96 8.37
CA ASP B 79 28.15 14.58 7.08
C ASP B 79 26.89 14.88 6.26
N ALA B 80 25.83 14.10 6.44
CA ALA B 80 24.59 14.31 5.69
C ALA B 80 23.45 13.66 6.45
N VAL B 81 22.23 14.00 6.08
CA VAL B 81 21.02 13.48 6.74
C VAL B 81 20.09 12.91 5.70
N ILE B 82 19.56 11.72 5.97
CA ILE B 82 18.49 11.11 5.18
C ILE B 82 17.21 11.13 6.01
N VAL B 83 16.11 11.58 5.39
CA VAL B 83 14.81 11.70 6.06
C VAL B 83 13.83 10.75 5.37
N LEU B 84 13.36 9.77 6.12
CA LEU B 84 12.37 8.79 5.68
C LEU B 84 11.25 8.71 6.71
N LEU B 85 10.90 9.85 7.29
CA LEU B 85 9.77 9.95 8.22
C LEU B 85 8.46 9.70 7.50
N GLY B 86 7.51 9.18 8.25
CA GLY B 86 6.15 9.05 7.74
C GLY B 86 5.21 8.89 8.89
N THR B 87 3.90 9.10 8.61
CA THR B 87 2.85 9.06 9.62
C THR B 87 1.72 8.31 8.92
N ARG B 88 1.89 6.98 8.84
CA ARG B 88 1.05 6.15 7.97
C ARG B 88 -0.43 6.23 8.36
N ASN B 89 -0.71 6.28 9.65
CA ASN B 89 -2.09 6.18 10.09
C ASN B 89 -2.84 7.50 10.03
N ASP B 90 -2.16 8.65 9.88
CA ASP B 90 -2.82 9.94 10.03
C ASP B 90 -3.65 10.26 8.79
N LEU B 91 -4.92 10.50 8.99
CA LEU B 91 -5.82 10.73 7.88
C LEU B 91 -6.52 12.07 8.01
N SER B 92 -6.09 12.91 8.94
CA SER B 92 -6.63 14.24 9.22
C SER B 92 -5.43 15.10 9.60
N PRO B 93 -5.57 16.45 9.63
CA PRO B 93 -4.40 17.33 9.71
C PRO B 93 -3.36 16.91 10.73
N THR B 94 -2.11 16.87 10.28
CA THR B 94 -1.02 16.33 11.07
C THR B 94 0.23 17.14 10.70
N THR B 95 1.08 17.42 11.71
CA THR B 95 2.28 18.22 11.47
C THR B 95 3.55 17.53 11.97
N VAL B 96 3.51 16.21 12.19
CA VAL B 96 4.69 15.50 12.71
C VAL B 96 5.89 15.66 11.77
N MET B 97 5.69 15.40 10.47
CA MET B 97 6.82 15.43 9.55
C MET B 97 7.37 16.83 9.38
N SER B 98 6.50 17.85 9.24
CA SER B 98 7.01 19.20 9.05
C SER B 98 7.67 19.74 10.32
N GLU B 99 7.10 19.44 11.50
CA GLU B 99 7.73 19.87 12.74
C GLU B 99 9.05 19.12 12.95
N GLY B 100 9.08 17.83 12.62
CA GLY B 100 10.35 17.11 12.63
C GLY B 100 11.38 17.75 11.71
N ALA B 101 10.96 18.10 10.49
CA ALA B 101 11.88 18.75 9.55
C ALA B 101 12.38 20.11 10.06
N ARG B 102 11.52 20.89 10.75
CA ARG B 102 12.00 22.13 11.35
C ARG B 102 13.09 21.82 12.37
N ASN B 103 12.89 20.79 13.19
CA ASN B 103 13.92 20.46 14.17
C ASN B 103 15.19 19.98 13.47
N ILE B 104 15.03 19.21 12.39
CA ILE B 104 16.21 18.74 11.66
C ILE B 104 16.98 19.91 11.06
N VAL B 105 16.28 20.87 10.45
CA VAL B 105 16.95 22.02 9.86
C VAL B 105 17.71 22.82 10.92
N ALA B 106 17.08 23.09 12.07
CA ALA B 106 17.75 23.84 13.11
C ALA B 106 19.00 23.12 13.58
N ALA B 107 18.93 21.79 13.70
CA ALA B 107 20.09 21.03 14.18
C ALA B 107 21.20 21.01 13.14
N MET B 108 20.86 20.83 11.87
CA MET B 108 21.87 20.85 10.82
C MET B 108 22.58 22.22 10.78
N LYS B 109 21.83 23.31 10.90
CA LYS B 109 22.45 24.63 10.93
C LYS B 109 23.38 24.77 12.13
N ALA B 110 22.94 24.29 13.28
CA ALA B 110 23.73 24.46 14.51
C ALA B 110 25.02 23.65 14.48
N HIS B 111 25.04 22.54 13.73
CA HIS B 111 26.19 21.65 13.70
C HIS B 111 26.95 21.70 12.39
N GLY B 112 26.57 22.61 11.48
CA GLY B 112 27.28 22.74 10.21
C GLY B 112 27.12 21.56 9.27
N VAL B 113 25.99 20.87 9.33
CA VAL B 113 25.68 19.80 8.39
C VAL B 113 24.92 20.40 7.22
N ASP B 114 25.38 20.15 6.00
CA ASP B 114 24.90 20.90 4.85
C ASP B 114 24.02 20.13 3.88
N LYS B 115 23.92 18.80 4.02
CA LYS B 115 23.32 17.96 2.98
C LYS B 115 22.16 17.16 3.57
N VAL B 116 20.98 17.29 2.96
CA VAL B 116 19.80 16.56 3.40
C VAL B 116 19.08 16.00 2.18
N VAL B 117 18.75 14.72 2.24
CA VAL B 117 18.02 14.02 1.21
C VAL B 117 16.76 13.52 1.88
N ALA B 118 15.60 14.02 1.45
CA ALA B 118 14.35 13.79 2.18
C ALA B 118 13.25 13.30 1.24
N CYS B 119 12.54 12.30 1.69
CA CYS B 119 11.46 11.69 0.93
C CYS B 119 10.12 12.34 1.29
N THR B 120 9.41 12.82 0.26
CA THR B 120 7.98 13.17 0.39
C THR B 120 7.19 12.21 -0.51
N SER B 121 6.61 12.69 -1.60
CA SER B 121 5.86 11.78 -2.47
C SER B 121 5.63 12.44 -3.82
N ALA B 122 5.41 11.60 -4.82
CA ALA B 122 5.15 12.12 -6.16
C ALA B 122 3.82 12.86 -6.28
N PHE B 123 2.94 12.79 -5.28
CA PHE B 123 1.76 13.66 -5.32
C PHE B 123 2.16 15.13 -5.43
N LEU B 124 3.35 15.50 -4.95
CA LEU B 124 3.79 16.89 -5.07
C LEU B 124 4.15 17.26 -6.50
N LEU B 125 4.18 16.30 -7.43
CA LEU B 125 4.43 16.54 -8.84
C LEU B 125 3.16 16.45 -9.68
N TRP B 126 2.03 16.13 -9.08
CA TRP B 126 0.75 15.94 -9.76
C TRP B 126 -0.25 16.99 -9.34
N ASP B 127 -1.36 17.07 -10.08
CA ASP B 127 -2.43 17.96 -9.68
C ASP B 127 -2.95 17.55 -8.32
N PRO B 128 -3.28 18.51 -7.43
CA PRO B 128 -3.84 18.15 -6.13
C PRO B 128 -5.08 17.28 -6.19
N THR B 129 -5.85 17.32 -7.28
CA THR B 129 -7.04 16.48 -7.33
C THR B 129 -6.71 15.02 -7.50
N LYS B 130 -5.44 14.67 -7.74
CA LYS B 130 -5.07 13.26 -7.79
C LYS B 130 -4.96 12.64 -6.41
N VAL B 131 -4.98 13.42 -5.34
CA VAL B 131 -4.75 12.88 -4.00
C VAL B 131 -6.05 12.32 -3.45
N PRO B 132 -6.08 11.04 -3.07
CA PRO B 132 -7.24 10.48 -2.39
C PRO B 132 -7.56 11.31 -1.15
N PRO B 133 -8.86 11.55 -0.89
CA PRO B 133 -9.23 12.38 0.27
C PRO B 133 -8.53 12.02 1.57
N ARG B 134 -8.39 10.73 1.86
CA ARG B 134 -7.84 10.34 3.14
C ARG B 134 -6.32 10.47 3.17
N LEU B 135 -5.69 10.76 2.03
CA LEU B 135 -4.26 11.03 1.98
C LEU B 135 -3.96 12.52 1.89
N GLN B 136 -4.99 13.38 1.92
CA GLN B 136 -4.74 14.81 1.78
C GLN B 136 -3.95 15.39 2.95
N ALA B 137 -4.23 14.93 4.18
CA ALA B 137 -3.55 15.50 5.34
C ALA B 137 -2.06 15.18 5.31
N VAL B 138 -1.71 13.92 5.01
CA VAL B 138 -0.30 13.58 4.91
C VAL B 138 0.35 14.36 3.79
N THR B 139 -0.34 14.46 2.63
CA THR B 139 0.22 15.19 1.50
C THR B 139 0.42 16.66 1.85
N ASP B 140 -0.56 17.27 2.53
CA ASP B 140 -0.39 18.66 2.98
C ASP B 140 0.85 18.82 3.85
N ASP B 141 1.10 17.85 4.73
CA ASP B 141 2.29 17.98 5.59
C ASP B 141 3.58 17.67 4.83
N HIS B 142 3.54 16.78 3.84
CA HIS B 142 4.69 16.64 2.94
C HIS B 142 5.01 17.97 2.27
N ILE B 143 3.99 18.69 1.82
CA ILE B 143 4.21 19.98 1.19
C ILE B 143 4.83 20.95 2.20
N ARG B 144 4.32 20.95 3.43
CA ARG B 144 4.91 21.80 4.45
C ARG B 144 6.36 21.41 4.71
N MET B 145 6.64 20.11 4.81
CA MET B 145 8.01 19.66 5.01
C MET B 145 8.91 20.08 3.85
N HIS B 146 8.42 19.93 2.62
CA HIS B 146 9.21 20.31 1.45
C HIS B 146 9.55 21.80 1.47
N LYS B 147 8.59 22.64 1.85
CA LYS B 147 8.87 24.07 1.91
CA LYS B 147 8.85 24.08 1.93
C LYS B 147 9.89 24.38 3.00
N VAL B 148 9.76 23.76 4.18
CA VAL B 148 10.75 23.95 5.24
C VAL B 148 12.16 23.65 4.73
N LEU B 149 12.32 22.55 3.99
CA LEU B 149 13.64 22.15 3.53
C LEU B 149 14.14 23.03 2.38
N ARG B 150 13.23 23.40 1.46
CA ARG B 150 13.62 24.28 0.36
C ARG B 150 14.03 25.66 0.86
N GLU B 151 13.35 26.17 1.88
CA GLU B 151 13.63 27.51 2.40
C GLU B 151 14.82 27.54 3.34
N SER B 152 15.41 26.39 3.67
CA SER B 152 16.46 26.32 4.67
C SER B 152 17.80 26.83 4.15
N GLY B 153 18.00 26.87 2.84
CA GLY B 153 19.30 27.14 2.29
C GLY B 153 20.26 25.97 2.32
N LEU B 154 19.88 24.85 2.95
CA LEU B 154 20.74 23.67 2.96
C LEU B 154 20.74 23.03 1.58
N LYS B 155 21.75 22.21 1.32
CA LYS B 155 21.79 21.41 0.09
C LYS B 155 20.74 20.31 0.20
N TYR B 156 19.64 20.43 -0.53
CA TYR B 156 18.47 19.59 -0.32
C TYR B 156 18.10 18.88 -1.60
N VAL B 157 18.05 17.55 -1.54
CA VAL B 157 17.52 16.74 -2.63
C VAL B 157 16.13 16.29 -2.23
N ALA B 158 15.12 16.71 -2.99
CA ALA B 158 13.74 16.34 -2.74
C ALA B 158 13.49 15.06 -3.49
N VAL B 159 13.20 13.97 -2.78
CA VAL B 159 12.92 12.68 -3.40
C VAL B 159 11.41 12.47 -3.31
N MET B 160 10.77 12.27 -4.47
CA MET B 160 9.31 12.28 -4.57
C MET B 160 8.88 11.01 -5.27
N PRO B 161 8.81 9.89 -4.53
CA PRO B 161 8.56 8.60 -5.16
C PRO B 161 7.08 8.37 -5.43
N PRO B 162 6.77 7.57 -6.42
CA PRO B 162 5.40 7.08 -6.61
C PRO B 162 5.16 5.91 -5.66
N HIS B 163 4.32 4.95 -6.02
CA HIS B 163 4.03 3.83 -5.14
C HIS B 163 5.30 3.09 -4.78
N ILE B 164 5.47 2.77 -3.50
CA ILE B 164 6.65 2.06 -3.02
C ILE B 164 6.29 0.59 -2.94
N GLY B 165 6.97 -0.22 -3.76
CA GLY B 165 6.72 -1.65 -3.83
C GLY B 165 7.74 -2.47 -3.02
N ASP B 166 7.60 -3.79 -3.10
CA ASP B 166 8.47 -4.72 -2.40
C ASP B 166 9.37 -5.54 -3.32
N GLN B 167 9.54 -5.12 -4.58
CA GLN B 167 10.35 -5.89 -5.51
C GLN B 167 11.82 -5.88 -5.09
N PRO B 168 12.60 -6.90 -5.50
CA PRO B 168 14.01 -6.93 -5.10
C PRO B 168 14.80 -5.75 -5.67
N LEU B 169 15.87 -5.40 -4.96
CA LEU B 169 16.79 -4.34 -5.39
C LEU B 169 17.33 -4.63 -6.79
N THR B 170 17.31 -3.60 -7.67
CA THR B 170 17.90 -3.72 -8.99
C THR B 170 19.06 -2.77 -9.27
N GLY B 171 19.08 -1.60 -8.64
CA GLY B 171 20.05 -0.57 -8.97
C GLY B 171 19.89 -0.02 -10.38
N ALA B 172 18.78 -0.35 -11.04
CA ALA B 172 18.63 -0.11 -12.48
C ALA B 172 17.49 0.86 -12.81
N TYR B 173 16.88 1.48 -11.81
CA TYR B 173 15.77 2.40 -11.97
C TYR B 173 16.21 3.67 -12.70
N THR B 174 15.21 4.44 -13.15
CA THR B 174 15.34 5.75 -13.78
C THR B 174 15.13 6.85 -12.75
N VAL B 175 15.82 7.97 -12.92
CA VAL B 175 15.61 9.15 -12.09
C VAL B 175 15.22 10.31 -12.99
N THR B 176 14.01 10.83 -12.79
CA THR B 176 13.52 11.96 -13.57
C THR B 176 13.66 13.23 -12.73
N LEU B 177 14.20 14.28 -13.34
CA LEU B 177 14.46 15.54 -12.66
C LEU B 177 13.30 16.49 -12.88
N ASP B 178 12.77 17.05 -11.79
CA ASP B 178 11.82 18.15 -11.85
C ASP B 178 10.60 17.78 -12.71
N GLY B 179 10.10 16.57 -12.52
CA GLY B 179 8.94 16.12 -13.24
C GLY B 179 8.78 14.63 -13.04
N ARG B 180 7.81 14.06 -13.74
CA ARG B 180 7.53 12.65 -13.53
C ARG B 180 8.02 11.82 -14.70
N GLY B 181 8.40 10.58 -14.38
CA GLY B 181 8.81 9.63 -15.38
C GLY B 181 7.70 8.66 -15.72
N PRO B 182 7.98 7.72 -16.61
CA PRO B 182 6.89 6.91 -17.18
C PRO B 182 6.32 5.88 -16.22
N SER B 183 7.15 5.22 -15.43
CA SER B 183 6.68 4.23 -14.48
C SER B 183 6.16 4.90 -13.21
N ARG B 184 5.25 4.21 -12.52
CA ARG B 184 4.66 4.71 -11.28
C ARG B 184 4.91 3.77 -10.09
N VAL B 185 6.01 3.01 -10.13
CA VAL B 185 6.42 2.21 -8.97
C VAL B 185 7.94 2.31 -8.81
N ILE B 186 8.39 2.32 -7.57
CA ILE B 186 9.78 2.13 -7.21
C ILE B 186 9.80 1.15 -6.04
N SER B 187 10.66 0.13 -6.13
CA SER B 187 10.84 -0.77 -5.00
C SER B 187 11.43 -0.02 -3.80
N LYS B 188 10.96 -0.37 -2.59
CA LYS B 188 11.56 0.20 -1.39
C LYS B 188 13.07 0.01 -1.39
N HIS B 189 13.57 -1.11 -1.93
CA HIS B 189 15.02 -1.31 -1.95
C HIS B 189 15.69 -0.35 -2.92
N ASP B 190 15.09 -0.17 -4.11
CA ASP B 190 15.65 0.77 -5.07
C ASP B 190 15.57 2.20 -4.56
N LEU B 191 14.47 2.54 -3.88
CA LEU B 191 14.33 3.87 -3.31
C LEU B 191 15.42 4.14 -2.28
N GLY B 192 15.70 3.15 -1.42
CA GLY B 192 16.78 3.30 -0.46
C GLY B 192 18.13 3.44 -1.14
N HIS B 193 18.37 2.62 -2.17
CA HIS B 193 19.58 2.71 -2.98
C HIS B 193 19.74 4.12 -3.55
N PHE B 194 18.64 4.71 -4.04
CA PHE B 194 18.71 6.07 -4.58
C PHE B 194 19.00 7.10 -3.50
N MET B 195 18.38 6.99 -2.32
CA MET B 195 18.69 7.92 -1.23
C MET B 195 20.19 7.93 -0.96
N LEU B 196 20.80 6.75 -0.98
CA LEU B 196 22.24 6.66 -0.74
C LEU B 196 23.04 7.21 -1.92
N ARG B 197 22.59 6.96 -3.15
CA ARG B 197 23.29 7.55 -4.29
C ARG B 197 23.33 9.07 -4.21
N CYS B 198 22.27 9.69 -3.67
CA CYS B 198 22.24 11.15 -3.54
C CYS B 198 23.33 11.69 -2.63
N LEU B 199 23.89 10.83 -1.78
CA LEU B 199 25.01 11.25 -0.94
C LEU B 199 26.33 11.35 -1.69
N THR B 200 26.44 10.73 -2.86
CA THR B 200 27.70 10.63 -3.57
C THR B 200 27.88 11.67 -4.67
N THR B 201 26.90 12.55 -4.86
CA THR B 201 26.93 13.51 -5.95
C THR B 201 26.19 14.78 -5.53
N ASP B 202 26.51 15.90 -6.18
CA ASP B 202 25.81 17.15 -5.99
CA ASP B 202 25.77 17.12 -5.96
C ASP B 202 24.77 17.43 -7.07
N GLU B 203 24.62 16.53 -8.05
CA GLU B 203 23.85 16.86 -9.26
C GLU B 203 22.37 17.04 -8.98
N TYR B 204 21.84 16.42 -7.93
CA TYR B 204 20.42 16.52 -7.62
C TYR B 204 20.10 17.65 -6.65
N ASP B 205 21.11 18.34 -6.12
CA ASP B 205 20.87 19.37 -5.12
C ASP B 205 19.99 20.46 -5.70
N GLY B 206 18.96 20.84 -4.96
CA GLY B 206 18.06 21.88 -5.42
C GLY B 206 17.06 21.42 -6.47
N HIS B 207 16.99 20.12 -6.75
CA HIS B 207 16.05 19.56 -7.71
C HIS B 207 15.06 18.67 -6.99
N SER B 208 13.93 18.42 -7.63
CA SER B 208 13.08 17.32 -7.24
C SER B 208 13.46 16.10 -8.07
N THR B 209 13.38 14.92 -7.46
CA THR B 209 13.79 13.69 -8.12
C THR B 209 12.70 12.64 -8.01
N TYR B 210 12.43 11.94 -9.11
CA TYR B 210 11.36 10.95 -9.19
C TYR B 210 12.01 9.65 -9.63
N PRO B 211 12.28 8.73 -8.71
CA PRO B 211 12.82 7.43 -9.08
C PRO B 211 11.68 6.48 -9.41
N SER B 212 11.86 5.72 -10.50
CA SER B 212 10.84 4.78 -10.91
C SER B 212 11.48 3.71 -11.77
N HIS B 213 10.80 2.58 -11.88
CA HIS B 213 11.36 1.48 -12.66
C HIS B 213 10.24 0.55 -13.10
N GLN B 214 10.54 -0.28 -14.10
CA GLN B 214 9.64 -1.34 -14.53
C GLN B 214 10.20 -2.66 -14.01
N TYR B 215 9.42 -3.33 -13.15
CA TYR B 215 9.74 -4.65 -12.62
C TYR B 215 8.81 -5.66 -13.27
N GLN B 216 9.26 -6.90 -13.37
CA GLN B 216 8.41 -7.98 -13.87
C GLN B 216 9.13 -9.33 -13.76
#